data_5SAN
#
_entry.id   5SAN
#
_cell.length_a   44.960
_cell.length_b   72.610
_cell.length_c   51.630
_cell.angle_alpha   90.000
_cell.angle_beta   108.615
_cell.angle_gamma   90.000
#
_symmetry.space_group_name_H-M   'P 1 21 1'
#
loop_
_entity.id
_entity.type
_entity.pdbx_description
1 polymer Endothiapepsin
2 non-polymer GLYCEROL
3 non-polymer (2Z)-2-(3-amino-1H-isoindol-1-ylidene)hydrazine-1-carboximidamide
4 water water
#
_entity_poly.entity_id   1
_entity_poly.type   'polypeptide(L)'
_entity_poly.pdbx_seq_one_letter_code
;MSSPLKNALVTAMLAGGALSSPTKQHVGIPVNASPEVGPGKYSFKQVRNPNYKFNGPLSVKKTYLKYGVPIPAWLEDAVQ
NSTSGLAERSTGSATTTPIDSLDDAYITPVQIGTPAQTLNLDFDTGSSDLWVFSSETTASEVDGQTIYTPSKSTTAKLLS
GATWSISYGDGSSSSGDVYTDTVSVGGLTVTGQAVESAKKVSSSFTEDSTIDGLLGLAFSTLNTVSPTQQKTFFDNAKAS
LDSPVFTADLGYHAPGTYNFGFIDTTAYTGSITYTAVSTKQGFWEWTSTGYAVGSGTFKSTSIDGIADTGTTLLYLPATV
VSAYWAQVSGAKSSSSVGGYVFPCSATLPSFTFGVGSARIVIPGDYIDFGPISTGSSSCFGGIQSSAGIGINIFGDVALK
AAFVVFNGATTPTLGFASK
;
_entity_poly.pdbx_strand_id   A
#
# COMPACT_ATOMS: atom_id res chain seq x y z
N SER A 90 4.97 19.99 -12.97
CA SER A 90 5.34 18.66 -13.48
C SER A 90 4.28 17.64 -13.08
N THR A 91 4.31 16.49 -13.75
CA THR A 91 3.49 15.34 -13.41
C THR A 91 4.29 14.07 -13.67
N GLY A 92 3.78 12.97 -13.13
CA GLY A 92 4.28 11.65 -13.48
C GLY A 92 3.13 10.67 -13.55
N SER A 93 3.34 9.58 -14.30
CA SER A 93 2.32 8.54 -14.41
C SER A 93 3.02 7.22 -14.64
N ALA A 94 2.80 6.24 -13.76
CA ALA A 94 3.46 4.95 -13.86
C ALA A 94 2.45 3.83 -13.67
N THR A 95 2.64 2.74 -14.41
CA THR A 95 1.80 1.57 -14.25
C THR A 95 2.31 0.73 -13.10
N THR A 96 1.36 0.21 -12.32
CA THR A 96 1.65 -0.69 -11.21
C THR A 96 1.04 -2.06 -11.53
N THR A 97 1.79 -3.13 -11.26
CA THR A 97 1.47 -4.46 -11.76
C THR A 97 1.42 -5.44 -10.59
N PRO A 98 0.38 -6.29 -10.49
CA PRO A 98 0.37 -7.27 -9.41
CA PRO A 98 0.36 -7.29 -9.43
C PRO A 98 1.55 -8.24 -9.54
N ILE A 99 2.09 -8.64 -8.39
CA ILE A 99 3.23 -9.55 -8.38
C ILE A 99 2.84 -10.99 -8.64
N ASP A 100 1.57 -11.33 -8.51
CA ASP A 100 1.11 -12.71 -8.65
C ASP A 100 -0.38 -12.67 -9.00
N SER A 101 -0.95 -13.87 -9.16
CA SER A 101 -2.31 -13.99 -9.65
C SER A 101 -3.35 -13.63 -8.60
N LEU A 102 -2.93 -13.37 -7.36
CA LEU A 102 -3.84 -13.04 -6.26
C LEU A 102 -3.83 -11.56 -5.90
N ASP A 103 -3.00 -10.75 -6.57
CA ASP A 103 -2.80 -9.35 -6.19
C ASP A 103 -2.24 -9.25 -4.77
N ASP A 104 -1.27 -10.10 -4.42
CA ASP A 104 -0.70 -10.03 -3.07
C ASP A 104 0.04 -8.74 -2.82
N ALA A 105 0.58 -8.13 -3.87
CA ALA A 105 1.21 -6.82 -3.80
C ALA A 105 1.33 -6.32 -5.23
N TYR A 106 1.72 -5.07 -5.39
CA TYR A 106 1.88 -4.44 -6.68
C TYR A 106 3.26 -3.82 -6.77
N ILE A 107 3.87 -3.91 -7.95
CA ILE A 107 5.19 -3.33 -8.19
C ILE A 107 5.13 -2.28 -9.29
N THR A 108 5.91 -1.21 -9.10
CA THR A 108 5.95 -0.07 -9.99
C THR A 108 7.40 0.20 -10.33
N PRO A 109 7.76 0.36 -11.60
CA PRO A 109 9.16 0.60 -11.94
C PRO A 109 9.58 2.01 -11.55
N VAL A 110 10.79 2.12 -11.00
CA VAL A 110 11.36 3.37 -10.53
C VAL A 110 12.79 3.46 -11.04
N GLN A 111 13.15 4.61 -11.61
CA GLN A 111 14.50 4.86 -12.10
C GLN A 111 15.31 5.55 -11.02
N ILE A 112 16.45 4.98 -10.68
CA ILE A 112 17.33 5.52 -9.66
C ILE A 112 18.73 5.70 -10.25
N GLY A 113 19.29 6.89 -10.09
CA GLY A 113 20.67 7.11 -10.45
C GLY A 113 20.89 7.48 -11.91
N THR A 114 22.18 7.66 -12.22
CA THR A 114 22.63 8.08 -13.54
C THR A 114 23.85 7.24 -13.94
N PRO A 115 23.79 6.46 -15.04
CA PRO A 115 22.59 6.16 -15.82
C PRO A 115 21.53 5.48 -14.95
N ALA A 116 20.30 5.49 -15.42
CA ALA A 116 19.20 4.95 -14.63
C ALA A 116 19.42 3.47 -14.33
N GLN A 117 19.11 3.11 -13.09
CA GLN A 117 18.94 1.73 -12.66
C GLN A 117 17.47 1.58 -12.31
N THR A 118 16.76 0.70 -13.03
CA THR A 118 15.34 0.54 -12.82
C THR A 118 15.08 -0.61 -11.86
N LEU A 119 14.43 -0.30 -10.75
CA LEU A 119 14.03 -1.26 -9.74
C LEU A 119 12.51 -1.24 -9.63
N ASN A 120 11.93 -2.41 -9.31
CA ASN A 120 10.48 -2.52 -9.19
C ASN A 120 10.13 -2.44 -7.71
N LEU A 121 9.51 -1.34 -7.31
CA LEU A 121 9.25 -1.04 -5.92
C LEU A 121 7.78 -1.17 -5.57
N ASP A 122 7.54 -1.50 -4.30
CA ASP A 122 6.21 -1.60 -3.73
C ASP A 122 5.85 -0.23 -3.16
N PHE A 123 4.94 0.48 -3.84
CA PHE A 123 4.50 1.80 -3.40
C PHE A 123 3.57 1.62 -2.20
N ASP A 124 3.93 2.23 -1.07
CA ASP A 124 3.34 1.91 0.22
C ASP A 124 2.87 3.18 0.92
N THR A 125 1.56 3.48 0.84
CA THR A 125 1.03 4.66 1.52
C THR A 125 0.93 4.47 3.03
N GLY A 126 1.36 3.34 3.57
CA GLY A 126 1.45 3.08 4.99
C GLY A 126 2.83 3.20 5.59
N SER A 127 3.84 3.63 4.84
CA SER A 127 5.16 3.85 5.39
C SER A 127 5.83 4.97 4.61
N SER A 128 7.03 5.37 5.06
CA SER A 128 7.60 6.64 4.60
C SER A 128 9.08 6.54 4.27
N ASP A 129 9.58 5.34 4.01
CA ASP A 129 10.96 5.10 3.62
C ASP A 129 10.99 4.58 2.19
N LEU A 130 11.93 5.10 1.40
CA LEU A 130 12.24 4.58 0.07
C LEU A 130 13.52 3.78 0.27
N TRP A 131 13.39 2.46 0.31
CA TRP A 131 14.54 1.60 0.53
C TRP A 131 14.61 0.54 -0.56
N VAL A 132 15.84 0.11 -0.84
CA VAL A 132 16.11 -0.79 -1.96
C VAL A 132 17.10 -1.86 -1.57
N PHE A 133 16.91 -3.05 -2.17
CA PHE A 133 17.98 -4.02 -2.26
C PHE A 133 19.15 -3.35 -2.99
N SER A 134 20.36 -3.68 -2.55
CA SER A 134 21.51 -2.93 -3.05
C SER A 134 22.75 -3.81 -3.07
N SER A 135 23.82 -3.23 -3.62
CA SER A 135 25.13 -3.87 -3.59
C SER A 135 25.66 -4.07 -2.19
N GLU A 136 25.03 -3.44 -1.19
N GLU A 136 25.05 -3.41 -1.19
CA GLU A 136 25.42 -3.61 0.20
CA GLU A 136 25.42 -3.57 0.21
C GLU A 136 24.57 -4.61 0.95
C GLU A 136 24.65 -4.70 0.90
N THR A 137 23.56 -5.19 0.32
CA THR A 137 22.71 -6.15 1.01
C THR A 137 23.45 -7.48 1.17
N THR A 138 23.47 -8.00 2.40
CA THR A 138 24.04 -9.30 2.68
C THR A 138 23.69 -10.29 1.58
N ALA A 139 24.72 -10.91 0.99
CA ALA A 139 24.51 -11.68 -0.24
C ALA A 139 23.51 -12.82 -0.03
N SER A 140 23.58 -13.50 1.12
CA SER A 140 22.68 -14.61 1.39
C SER A 140 21.23 -14.18 1.55
N GLU A 141 20.97 -12.88 1.63
CA GLU A 141 19.62 -12.35 1.78
C GLU A 141 19.06 -11.80 0.47
N VAL A 142 19.80 -11.95 -0.63
CA VAL A 142 19.35 -11.56 -1.95
C VAL A 142 19.08 -12.83 -2.75
N ASP A 143 17.88 -12.91 -3.35
CA ASP A 143 17.47 -14.10 -4.09
C ASP A 143 16.58 -13.64 -5.26
N GLY A 144 17.23 -13.12 -6.30
CA GLY A 144 16.54 -12.76 -7.52
C GLY A 144 16.21 -11.30 -7.67
N GLN A 145 16.30 -10.50 -6.61
CA GLN A 145 15.97 -9.09 -6.72
C GLN A 145 16.99 -8.36 -7.58
N THR A 146 16.52 -7.28 -8.22
CA THR A 146 17.42 -6.33 -8.84
C THR A 146 17.93 -5.38 -7.78
N ILE A 147 19.24 -5.11 -7.80
CA ILE A 147 19.89 -4.30 -6.78
C ILE A 147 20.29 -2.96 -7.34
N TYR A 148 20.28 -1.96 -6.46
CA TYR A 148 20.84 -0.64 -6.70
C TYR A 148 22.31 -0.66 -6.30
N THR A 149 23.16 -0.20 -7.21
CA THR A 149 24.60 -0.11 -6.96
C THR A 149 24.99 1.36 -7.00
N PRO A 150 25.09 2.03 -5.84
CA PRO A 150 25.37 3.46 -5.88
C PRO A 150 26.71 3.80 -6.50
N SER A 151 27.69 2.90 -6.44
CA SER A 151 29.00 3.19 -7.03
C SER A 151 28.94 3.31 -8.54
N LYS A 152 27.87 2.82 -9.18
CA LYS A 152 27.71 2.94 -10.62
C LYS A 152 26.88 4.14 -11.03
N SER A 153 26.46 4.96 -10.06
CA SER A 153 25.64 6.13 -10.33
C SER A 153 26.48 7.38 -10.13
N THR A 154 26.61 8.18 -11.18
CA THR A 154 27.42 9.40 -11.09
C THR A 154 26.75 10.48 -10.25
N THR A 155 25.46 10.34 -9.94
CA THR A 155 24.74 11.31 -9.14
C THR A 155 24.53 10.86 -7.70
N ALA A 156 24.96 9.65 -7.35
CA ALA A 156 24.80 9.17 -5.98
C ALA A 156 25.78 9.85 -5.06
N LYS A 157 25.31 10.20 -3.86
N LYS A 157 25.32 10.18 -3.86
CA LYS A 157 26.16 10.76 -2.81
CA LYS A 157 26.17 10.76 -2.83
C LYS A 157 25.79 10.07 -1.51
C LYS A 157 25.81 10.14 -1.49
N LEU A 158 26.80 9.61 -0.77
CA LEU A 158 26.53 9.08 0.55
C LEU A 158 25.94 10.19 1.42
N LEU A 159 24.86 9.88 2.15
CA LEU A 159 24.34 10.78 3.17
C LEU A 159 25.07 10.38 4.44
N SER A 160 26.16 11.08 4.71
CA SER A 160 27.15 10.59 5.65
CA SER A 160 27.17 10.60 5.66
C SER A 160 26.61 10.51 7.07
N GLY A 161 26.75 9.33 7.68
CA GLY A 161 26.32 9.10 9.03
C GLY A 161 24.89 8.65 9.19
N ALA A 162 24.10 8.73 8.12
CA ALA A 162 22.69 8.42 8.23
C ALA A 162 22.45 6.91 8.12
N THR A 163 21.59 6.40 8.98
CA THR A 163 21.18 5.01 8.93
C THR A 163 19.66 4.95 9.03
N TRP A 164 19.12 3.78 8.75
CA TRP A 164 17.68 3.59 8.81
C TRP A 164 17.41 2.16 9.28
N SER A 165 16.23 1.97 9.85
CA SER A 165 15.83 0.66 10.35
C SER A 165 14.32 0.70 10.51
N ILE A 166 13.63 -0.24 9.89
CA ILE A 166 12.18 -0.21 9.86
C ILE A 166 11.64 -1.59 10.17
N SER A 167 10.55 -1.62 10.92
CA SER A 167 9.82 -2.84 11.22
C SER A 167 8.38 -2.62 10.82
N TYR A 168 7.85 -3.50 9.99
CA TYR A 168 6.50 -3.34 9.50
C TYR A 168 5.53 -4.14 10.39
N GLY A 169 4.26 -3.77 10.30
CA GLY A 169 3.25 -4.42 11.12
C GLY A 169 3.20 -5.92 10.94
N ASP A 170 3.55 -6.40 9.76
N ASP A 170 3.55 -6.40 9.76
CA ASP A 170 3.54 -7.83 9.47
CA ASP A 170 3.53 -7.83 9.47
C ASP A 170 4.74 -8.57 10.04
C ASP A 170 4.73 -8.58 10.05
N GLY A 171 5.60 -7.89 10.78
CA GLY A 171 6.76 -8.53 11.38
C GLY A 171 8.01 -8.53 10.53
N SER A 172 7.94 -8.03 9.30
CA SER A 172 9.11 -7.95 8.46
C SER A 172 9.93 -6.71 8.81
N SER A 173 11.19 -6.69 8.38
CA SER A 173 12.08 -5.60 8.73
C SER A 173 13.24 -5.50 7.75
N SER A 174 13.91 -4.34 7.78
CA SER A 174 15.09 -4.10 6.97
C SER A 174 15.82 -2.88 7.54
N SER A 175 17.09 -2.74 7.18
CA SER A 175 17.90 -1.65 7.71
C SER A 175 19.14 -1.45 6.85
N GLY A 176 19.77 -0.29 7.01
CA GLY A 176 21.00 -0.03 6.28
C GLY A 176 21.45 1.42 6.37
N ASP A 177 22.13 1.86 5.31
CA ASP A 177 22.63 3.23 5.22
C ASP A 177 21.91 3.98 4.09
N VAL A 178 22.35 5.20 3.78
CA VAL A 178 21.54 6.11 2.97
C VAL A 178 22.42 6.87 1.99
N TYR A 179 21.93 6.96 0.76
CA TYR A 179 22.48 7.80 -0.29
C TYR A 179 21.43 8.81 -0.69
N THR A 180 21.85 9.90 -1.31
CA THR A 180 20.93 10.71 -2.09
C THR A 180 21.21 10.46 -3.56
N ASP A 181 20.17 10.48 -4.37
CA ASP A 181 20.33 10.26 -5.80
C ASP A 181 19.09 10.80 -6.51
N THR A 182 19.17 10.81 -7.83
CA THR A 182 18.05 11.21 -8.67
C THR A 182 17.10 10.03 -8.83
N VAL A 183 15.82 10.27 -8.56
CA VAL A 183 14.79 9.24 -8.60
C VAL A 183 13.66 9.73 -9.50
N SER A 184 13.27 8.90 -10.47
CA SER A 184 12.18 9.24 -11.37
C SER A 184 11.11 8.17 -11.34
N VAL A 185 9.86 8.62 -11.33
CA VAL A 185 8.70 7.74 -11.37
C VAL A 185 7.81 8.23 -12.50
N GLY A 186 7.63 7.40 -13.52
CA GLY A 186 6.69 7.74 -14.57
C GLY A 186 6.95 9.09 -15.20
N GLY A 187 8.22 9.47 -15.34
CA GLY A 187 8.58 10.73 -15.95
C GLY A 187 8.74 11.91 -15.00
N LEU A 188 8.39 11.77 -13.73
CA LEU A 188 8.56 12.80 -12.72
C LEU A 188 9.87 12.56 -12.00
N THR A 189 10.74 13.57 -11.96
CA THR A 189 12.09 13.43 -11.41
C THR A 189 12.25 14.26 -10.16
N VAL A 190 12.82 13.64 -9.13
CA VAL A 190 13.26 14.30 -7.90
C VAL A 190 14.78 14.15 -7.81
N THR A 191 15.48 15.26 -7.70
CA THR A 191 16.91 15.20 -7.40
C THR A 191 17.11 15.26 -5.89
N GLY A 192 18.17 14.61 -5.44
CA GLY A 192 18.48 14.62 -4.02
C GLY A 192 17.55 13.80 -3.15
N GLN A 193 16.87 12.82 -3.73
CA GLN A 193 16.00 11.96 -2.94
C GLN A 193 16.83 11.02 -2.08
N ALA A 194 16.43 10.84 -0.82
CA ALA A 194 17.06 9.84 0.03
C ALA A 194 16.67 8.44 -0.46
N VAL A 195 17.69 7.65 -0.81
CA VAL A 195 17.56 6.27 -1.24
C VAL A 195 18.24 5.45 -0.16
N GLU A 196 17.44 4.68 0.58
CA GLU A 196 17.91 3.93 1.73
C GLU A 196 18.36 2.55 1.24
N SER A 197 19.64 2.30 1.34
CA SER A 197 20.25 1.07 0.83
C SER A 197 20.24 0.01 1.93
N ALA A 198 19.67 -1.15 1.65
CA ALA A 198 19.57 -2.19 2.65
C ALA A 198 20.90 -2.91 2.82
N LYS A 199 21.35 -3.01 4.07
CA LYS A 199 22.39 -3.95 4.43
C LYS A 199 21.81 -5.28 4.87
N LYS A 200 20.63 -5.26 5.49
CA LYS A 200 19.95 -6.46 5.98
C LYS A 200 18.47 -6.34 5.65
N VAL A 201 17.86 -7.48 5.28
CA VAL A 201 16.42 -7.59 5.12
C VAL A 201 15.98 -8.89 5.78
N SER A 202 14.72 -8.92 6.24
CA SER A 202 14.19 -10.13 6.84
C SER A 202 13.75 -11.12 5.76
N SER A 203 13.42 -12.34 6.21
CA SER A 203 13.27 -13.46 5.29
C SER A 203 12.14 -13.23 4.29
N SER A 204 11.05 -12.58 4.72
N SER A 204 11.05 -12.58 4.73
CA SER A 204 9.94 -12.40 3.78
CA SER A 204 9.93 -12.35 3.83
C SER A 204 10.34 -11.50 2.61
C SER A 204 10.34 -11.51 2.63
N PHE A 205 11.25 -10.55 2.82
CA PHE A 205 11.73 -9.75 1.71
C PHE A 205 12.60 -10.59 0.78
N THR A 206 13.54 -11.36 1.35
CA THR A 206 14.38 -12.23 0.53
C THR A 206 13.54 -13.16 -0.33
N GLU A 207 12.48 -13.71 0.24
CA GLU A 207 11.68 -14.72 -0.44
C GLU A 207 10.82 -14.14 -1.55
N ASP A 208 10.62 -12.82 -1.59
N ASP A 208 10.68 -12.81 -1.62
CA ASP A 208 9.86 -12.20 -2.65
CA ASP A 208 9.86 -12.13 -2.62
C ASP A 208 10.83 -11.64 -3.68
C ASP A 208 10.79 -11.60 -3.71
N SER A 209 11.13 -12.46 -4.68
CA SER A 209 12.08 -12.06 -5.71
C SER A 209 11.56 -10.96 -6.61
N THR A 210 10.25 -10.69 -6.59
CA THR A 210 9.65 -9.70 -7.47
C THR A 210 9.70 -8.28 -6.91
N ILE A 211 10.01 -8.10 -5.64
CA ILE A 211 9.94 -6.79 -5.00
C ILE A 211 11.37 -6.37 -4.66
N ASP A 212 11.84 -5.29 -5.30
CA ASP A 212 13.21 -4.82 -5.16
C ASP A 212 13.36 -3.77 -4.05
N GLY A 213 12.28 -3.42 -3.38
CA GLY A 213 12.28 -2.44 -2.32
C GLY A 213 10.92 -1.80 -2.22
N LEU A 214 10.84 -0.78 -1.35
CA LEU A 214 9.60 -0.09 -1.03
C LEU A 214 9.78 1.40 -1.34
N LEU A 215 8.69 2.04 -1.75
CA LEU A 215 8.65 3.49 -1.89
C LEU A 215 7.51 4.01 -1.02
N GLY A 216 7.87 4.60 0.12
CA GLY A 216 6.87 5.04 1.08
C GLY A 216 6.21 6.34 0.67
N LEU A 217 4.89 6.38 0.89
CA LEU A 217 4.04 7.51 0.53
C LEU A 217 3.13 7.96 1.67
N ALA A 218 3.38 7.51 2.90
CA ALA A 218 2.77 8.10 4.08
C ALA A 218 3.48 9.42 4.37
N PHE A 219 3.21 10.03 5.52
CA PHE A 219 3.78 11.33 5.84
C PHE A 219 5.22 11.19 6.29
N SER A 220 6.05 12.20 5.95
CA SER A 220 7.48 12.11 6.20
C SER A 220 7.81 12.02 7.68
N THR A 221 6.89 12.39 8.56
CA THR A 221 7.12 12.24 10.00
C THR A 221 7.35 10.79 10.43
N LEU A 222 6.97 9.80 9.60
CA LEU A 222 7.25 8.41 9.89
C LEU A 222 8.58 7.91 9.34
N ASN A 223 9.30 8.73 8.58
CA ASN A 223 10.54 8.26 7.99
C ASN A 223 11.55 7.89 9.08
N THR A 224 12.25 6.77 8.89
CA THR A 224 13.10 6.24 9.95
C THR A 224 14.55 6.69 9.89
N VAL A 225 14.97 7.48 8.91
CA VAL A 225 16.37 7.84 8.83
C VAL A 225 16.79 8.64 10.06
N SER A 226 17.96 8.28 10.58
CA SER A 226 18.54 8.89 11.76
C SER A 226 19.99 9.24 11.46
N PRO A 227 20.50 10.38 11.96
CA PRO A 227 19.85 11.32 12.87
C PRO A 227 19.02 12.42 12.20
N THR A 228 19.01 12.46 10.86
CA THR A 228 18.32 13.49 10.09
C THR A 228 17.19 12.82 9.31
N GLN A 229 15.96 12.98 9.77
N GLN A 229 15.96 13.01 9.77
N GLN A 229 15.96 13.02 9.77
CA GLN A 229 14.83 12.38 9.08
CA GLN A 229 14.81 12.42 9.09
CA GLN A 229 14.79 12.44 9.10
C GLN A 229 14.74 12.92 7.67
C GLN A 229 14.70 12.94 7.66
C GLN A 229 14.72 12.95 7.66
N GLN A 230 14.34 12.07 6.74
CA GLN A 230 14.27 12.38 5.32
C GLN A 230 12.83 12.44 4.83
N LYS A 231 12.65 13.16 3.72
CA LYS A 231 11.35 13.33 3.09
C LYS A 231 11.04 12.22 2.09
N THR A 232 9.75 11.90 1.98
CA THR A 232 9.31 10.96 0.96
C THR A 232 9.46 11.56 -0.45
N PHE A 233 9.42 10.67 -1.43
CA PHE A 233 9.43 11.08 -2.84
C PHE A 233 8.31 12.09 -3.11
N PHE A 234 7.11 11.84 -2.60
CA PHE A 234 6.00 12.75 -2.82
C PHE A 234 6.25 14.10 -2.17
N ASP A 235 6.72 14.09 -0.91
N ASP A 235 6.72 14.11 -0.92
CA ASP A 235 7.02 15.32 -0.19
CA ASP A 235 6.97 15.40 -0.29
C ASP A 235 8.05 16.16 -0.94
C ASP A 235 8.02 16.19 -1.04
N ASN A 236 9.09 15.52 -1.48
CA ASN A 236 10.10 16.23 -2.26
C ASN A 236 9.54 16.75 -3.57
N ALA A 237 8.68 15.98 -4.24
CA ALA A 237 8.15 16.37 -5.53
C ALA A 237 7.09 17.46 -5.45
N LYS A 238 6.45 17.59 -4.28
CA LYS A 238 5.19 18.30 -4.15
C LYS A 238 5.23 19.68 -4.76
N ALA A 239 6.25 20.46 -4.41
CA ALA A 239 6.28 21.85 -4.82
C ALA A 239 6.40 21.99 -6.33
N SER A 240 7.00 20.99 -6.99
N SER A 240 7.01 21.00 -7.00
CA SER A 240 7.16 21.02 -8.43
CA SER A 240 7.16 21.05 -8.44
C SER A 240 5.92 20.54 -9.16
C SER A 240 5.93 20.52 -9.17
N LEU A 241 5.07 19.77 -8.49
CA LEU A 241 3.91 19.19 -9.14
C LEU A 241 2.91 20.26 -9.54
N ASP A 242 2.18 19.98 -10.62
CA ASP A 242 1.12 20.90 -11.03
C ASP A 242 0.10 21.08 -9.91
N SER A 243 -0.17 20.02 -9.15
CA SER A 243 -1.10 20.02 -8.04
CA SER A 243 -1.09 20.02 -8.03
C SER A 243 -0.51 19.07 -7.00
N PRO A 244 -0.64 19.37 -5.70
CA PRO A 244 0.06 18.57 -4.67
C PRO A 244 -0.70 17.31 -4.29
N VAL A 245 -0.81 16.38 -5.26
N VAL A 245 -0.72 16.35 -5.22
CA VAL A 245 -1.63 15.19 -5.12
CA VAL A 245 -1.64 15.21 -5.15
C VAL A 245 -0.94 14.01 -5.78
C VAL A 245 -1.00 14.02 -5.84
N PHE A 246 -1.32 12.82 -5.36
CA PHE A 246 -1.06 11.61 -6.12
C PHE A 246 -2.31 10.75 -6.03
N THR A 247 -2.48 9.85 -7.01
CA THR A 247 -3.64 9.00 -7.08
C THR A 247 -3.22 7.56 -7.23
N ALA A 248 -4.00 6.67 -6.60
CA ALA A 248 -3.83 5.23 -6.71
C ALA A 248 -5.07 4.66 -7.40
N ASP A 249 -4.83 3.94 -8.50
CA ASP A 249 -5.88 3.29 -9.28
C ASP A 249 -5.44 1.85 -9.49
N LEU A 250 -5.60 1.02 -8.45
CA LEU A 250 -5.12 -0.34 -8.47
C LEU A 250 -6.11 -1.23 -9.23
N GLY A 251 -5.58 -2.18 -9.99
CA GLY A 251 -6.41 -3.11 -10.71
C GLY A 251 -6.72 -4.37 -9.92
N TYR A 252 -7.84 -5.00 -10.29
CA TYR A 252 -8.20 -6.32 -9.78
C TYR A 252 -7.67 -7.34 -10.78
N HIS A 253 -6.67 -8.11 -10.34
CA HIS A 253 -6.05 -9.12 -11.19
C HIS A 253 -5.62 -8.50 -12.52
N ALA A 254 -5.09 -7.29 -12.46
CA ALA A 254 -4.72 -6.54 -13.65
C ALA A 254 -3.88 -5.35 -13.22
N PRO A 255 -3.12 -4.77 -14.15
CA PRO A 255 -2.32 -3.59 -13.80
C PRO A 255 -3.21 -2.38 -13.55
N GLY A 256 -2.64 -1.40 -12.86
CA GLY A 256 -3.27 -0.13 -12.59
C GLY A 256 -2.28 0.99 -12.72
N THR A 257 -2.56 2.13 -12.09
CA THR A 257 -1.79 3.34 -12.30
C THR A 257 -1.60 4.14 -11.03
N TYR A 258 -0.37 4.65 -10.83
CA TYR A 258 -0.09 5.72 -9.89
C TYR A 258 0.21 6.99 -10.68
N ASN A 259 -0.55 8.05 -10.44
CA ASN A 259 -0.30 9.36 -11.03
C ASN A 259 0.13 10.34 -9.96
N PHE A 260 1.03 11.25 -10.35
CA PHE A 260 1.50 12.31 -9.49
C PHE A 260 1.23 13.65 -10.14
N GLY A 261 0.55 14.54 -9.42
CA GLY A 261 0.41 15.92 -9.82
C GLY A 261 -0.83 16.26 -10.60
N PHE A 262 -1.71 15.30 -10.88
CA PHE A 262 -2.93 15.56 -11.61
C PHE A 262 -3.94 14.45 -11.33
N ILE A 263 -5.22 14.79 -11.54
CA ILE A 263 -6.35 13.88 -11.49
C ILE A 263 -6.75 13.53 -12.92
N ASP A 264 -6.73 12.25 -13.24
CA ASP A 264 -7.19 11.79 -14.55
C ASP A 264 -8.70 11.60 -14.46
N THR A 265 -9.47 12.58 -14.95
CA THR A 265 -10.91 12.51 -14.83
C THR A 265 -11.53 11.44 -15.72
N THR A 266 -10.74 10.82 -16.61
CA THR A 266 -11.23 9.69 -17.38
C THR A 266 -11.09 8.35 -16.66
N ALA A 267 -10.44 8.33 -15.50
CA ALA A 267 -10.13 7.09 -14.81
C ALA A 267 -11.18 6.68 -13.78
N TYR A 268 -12.25 7.45 -13.64
CA TYR A 268 -13.27 7.12 -12.65
C TYR A 268 -14.62 7.53 -13.20
N THR A 269 -15.66 7.05 -12.54
CA THR A 269 -17.03 7.40 -12.88
C THR A 269 -17.63 8.22 -11.75
N GLY A 270 -18.63 9.04 -12.09
CA GLY A 270 -19.23 9.86 -11.06
C GLY A 270 -18.25 10.91 -10.56
N SER A 271 -18.44 11.32 -9.31
N SER A 271 -18.44 11.33 -9.32
CA SER A 271 -17.63 12.35 -8.68
CA SER A 271 -17.61 12.35 -8.70
C SER A 271 -16.74 11.77 -7.59
C SER A 271 -16.67 11.73 -7.67
N ILE A 272 -15.73 12.55 -7.20
CA ILE A 272 -14.84 12.17 -6.12
C ILE A 272 -15.40 12.73 -4.83
N THR A 273 -15.55 11.87 -3.81
CA THR A 273 -15.95 12.31 -2.48
C THR A 273 -14.70 12.41 -1.62
N TYR A 274 -14.42 13.62 -1.14
CA TYR A 274 -13.28 13.85 -0.28
C TYR A 274 -13.70 13.80 1.19
N THR A 275 -12.76 13.36 2.02
CA THR A 275 -12.99 13.12 3.44
C THR A 275 -11.75 13.54 4.21
N ALA A 276 -11.97 13.99 5.45
CA ALA A 276 -10.89 14.53 6.25
C ALA A 276 -9.85 13.47 6.63
N VAL A 277 -8.61 13.94 6.77
CA VAL A 277 -7.48 13.11 7.16
C VAL A 277 -6.89 13.64 8.45
N SER A 278 -6.55 12.74 9.35
CA SER A 278 -5.68 13.04 10.48
C SER A 278 -4.28 12.57 10.17
N THR A 279 -3.30 13.46 10.32
CA THR A 279 -1.90 13.10 10.15
C THR A 279 -1.19 12.80 11.47
N LYS A 280 -1.93 12.73 12.58
CA LYS A 280 -1.29 12.66 13.89
C LYS A 280 -0.48 11.39 14.09
N GLN A 281 -0.84 10.30 13.43
CA GLN A 281 -0.05 9.07 13.51
C GLN A 281 0.84 8.89 12.28
N GLY A 282 0.89 9.88 11.38
CA GLY A 282 1.72 9.81 10.20
C GLY A 282 1.11 9.09 9.02
N PHE A 283 -0.14 8.63 9.14
CA PHE A 283 -0.81 7.87 8.10
C PHE A 283 -1.87 8.72 7.40
N TRP A 284 -2.34 8.20 6.25
CA TRP A 284 -3.54 8.72 5.60
C TRP A 284 -4.74 8.13 6.34
N GLU A 285 -5.03 8.70 7.52
CA GLU A 285 -6.01 8.19 8.46
C GLU A 285 -7.31 8.98 8.30
N TRP A 286 -8.42 8.25 8.16
CA TRP A 286 -9.72 8.82 7.84
C TRP A 286 -10.79 8.02 8.57
N THR A 287 -12.04 8.46 8.43
CA THR A 287 -13.14 7.78 9.10
C THR A 287 -14.22 7.42 8.08
N SER A 288 -14.37 6.13 7.84
CA SER A 288 -15.47 5.65 7.02
C SER A 288 -16.79 5.81 7.77
N THR A 289 -17.86 6.03 7.02
CA THR A 289 -19.18 6.28 7.59
C THR A 289 -20.04 5.03 7.73
N GLY A 290 -19.55 3.86 7.36
CA GLY A 290 -20.26 2.63 7.66
C GLY A 290 -20.04 1.56 6.60
N TYR A 291 -20.89 0.54 6.63
CA TYR A 291 -20.70 -0.58 5.72
C TYR A 291 -22.01 -1.30 5.45
N ALA A 292 -21.99 -2.08 4.37
CA ALA A 292 -23.04 -3.06 4.10
C ALA A 292 -22.40 -4.35 3.63
N VAL A 293 -23.10 -5.46 3.87
CA VAL A 293 -22.68 -6.78 3.40
C VAL A 293 -23.64 -7.21 2.30
N GLY A 294 -23.11 -7.49 1.12
CA GLY A 294 -23.95 -7.90 0.00
C GLY A 294 -25.05 -6.90 -0.25
N SER A 295 -26.27 -7.41 -0.42
CA SER A 295 -27.43 -6.56 -0.66
CA SER A 295 -27.44 -6.57 -0.67
C SER A 295 -28.09 -6.08 0.61
N GLY A 296 -27.43 -6.25 1.75
CA GLY A 296 -28.00 -5.86 3.03
C GLY A 296 -28.06 -4.35 3.21
N THR A 297 -28.78 -3.95 4.24
CA THR A 297 -28.93 -2.52 4.50
C THR A 297 -27.62 -1.95 5.04
N PHE A 298 -27.41 -0.68 4.75
CA PHE A 298 -26.20 0.00 5.18
C PHE A 298 -26.26 0.32 6.66
N LYS A 299 -25.19 -0.01 7.38
CA LYS A 299 -25.04 0.27 8.80
C LYS A 299 -24.19 1.53 8.95
N SER A 300 -24.80 2.59 9.47
N SER A 300 -24.79 2.58 9.50
CA SER A 300 -24.08 3.84 9.70
CA SER A 300 -24.10 3.85 9.71
C SER A 300 -23.29 3.73 10.99
C SER A 300 -23.30 3.77 11.00
N THR A 301 -21.97 3.80 10.89
CA THR A 301 -21.10 3.66 12.04
C THR A 301 -19.73 4.17 11.63
N SER A 302 -19.05 4.88 12.53
CA SER A 302 -17.76 5.46 12.21
C SER A 302 -16.66 4.42 12.36
N ILE A 303 -15.84 4.26 11.32
CA ILE A 303 -14.75 3.30 11.33
C ILE A 303 -13.49 4.07 10.96
N ASP A 304 -12.66 4.37 11.95
CA ASP A 304 -11.39 5.03 11.73
CA ASP A 304 -11.40 5.04 11.72
C ASP A 304 -10.39 4.04 11.16
N GLY A 305 -9.67 4.43 10.11
CA GLY A 305 -8.69 3.52 9.57
C GLY A 305 -7.75 4.25 8.64
N ILE A 306 -6.81 3.51 8.05
CA ILE A 306 -5.81 4.12 7.17
C ILE A 306 -5.95 3.59 5.77
N ALA A 307 -5.67 4.45 4.79
CA ALA A 307 -5.60 4.03 3.39
C ALA A 307 -4.17 3.58 3.12
N ASP A 308 -3.97 2.28 2.95
CA ASP A 308 -2.64 1.68 2.93
C ASP A 308 -2.45 0.77 1.70
N THR A 309 -1.82 1.31 0.66
CA THR A 309 -1.56 0.52 -0.54
C THR A 309 -0.57 -0.62 -0.29
N GLY A 310 0.21 -0.56 0.77
CA GLY A 310 1.16 -1.60 1.08
C GLY A 310 0.62 -2.77 1.85
N THR A 311 -0.66 -2.74 2.24
CA THR A 311 -1.32 -3.85 2.90
C THR A 311 -2.24 -4.52 1.89
N THR A 312 -2.17 -5.85 1.81
CA THR A 312 -2.94 -6.58 0.80
C THR A 312 -4.43 -6.56 1.09
N LEU A 313 -4.81 -6.79 2.35
CA LEU A 313 -6.17 -7.13 2.74
C LEU A 313 -6.87 -5.93 3.39
N LEU A 314 -8.15 -6.13 3.67
CA LEU A 314 -9.00 -5.17 4.37
C LEU A 314 -9.17 -5.65 5.80
N TYR A 315 -8.65 -4.88 6.76
CA TYR A 315 -8.67 -5.23 8.18
C TYR A 315 -9.64 -4.29 8.89
N LEU A 316 -10.69 -4.85 9.48
CA LEU A 316 -11.77 -4.08 10.07
C LEU A 316 -12.13 -4.66 11.43
N PRO A 317 -12.94 -3.95 12.21
CA PRO A 317 -13.27 -4.46 13.55
C PRO A 317 -13.94 -5.83 13.48
N ALA A 318 -13.74 -6.61 14.55
CA ALA A 318 -14.22 -7.98 14.57
C ALA A 318 -15.72 -8.09 14.36
N THR A 319 -16.49 -7.13 14.87
CA THR A 319 -17.94 -7.13 14.66
C THR A 319 -18.28 -7.09 13.18
N VAL A 320 -17.65 -6.17 12.44
CA VAL A 320 -17.91 -6.00 11.02
C VAL A 320 -17.52 -7.26 10.25
N VAL A 321 -16.34 -7.78 10.57
CA VAL A 321 -15.80 -8.94 9.86
C VAL A 321 -16.68 -10.17 10.11
N SER A 322 -17.14 -10.36 11.35
CA SER A 322 -18.03 -11.47 11.65
C SER A 322 -19.34 -11.34 10.87
N ALA A 323 -19.89 -10.13 10.79
CA ALA A 323 -21.12 -9.93 10.05
C ALA A 323 -20.94 -10.27 8.57
N TYR A 324 -19.76 -9.99 8.00
CA TYR A 324 -19.51 -10.34 6.61
C TYR A 324 -19.45 -11.86 6.44
N TRP A 325 -18.58 -12.52 7.20
CA TRP A 325 -18.35 -13.95 6.98
C TRP A 325 -19.54 -14.81 7.39
N ALA A 326 -20.41 -14.30 8.26
CA ALA A 326 -21.63 -15.02 8.59
C ALA A 326 -22.53 -15.23 7.38
N GLN A 327 -22.33 -14.44 6.31
CA GLN A 327 -23.12 -14.60 5.10
C GLN A 327 -22.54 -15.62 4.13
N VAL A 328 -21.46 -16.30 4.50
CA VAL A 328 -20.78 -17.27 3.65
C VAL A 328 -20.84 -18.63 4.35
N SER A 329 -21.61 -19.57 3.80
CA SER A 329 -21.76 -20.89 4.43
CA SER A 329 -21.76 -20.88 4.44
C SER A 329 -20.41 -21.54 4.59
N GLY A 330 -20.13 -22.01 5.81
CA GLY A 330 -18.91 -22.71 6.09
C GLY A 330 -17.72 -21.85 6.40
N ALA A 331 -17.83 -20.53 6.32
CA ALA A 331 -16.70 -19.68 6.64
C ALA A 331 -16.47 -19.67 8.15
N LYS A 332 -15.20 -19.56 8.55
CA LYS A 332 -14.86 -19.62 9.96
C LYS A 332 -13.51 -18.96 10.16
N SER A 333 -13.27 -18.50 11.37
CA SER A 333 -11.94 -18.04 11.74
C SER A 333 -11.11 -19.23 12.21
N SER A 334 -9.95 -19.41 11.59
CA SER A 334 -9.05 -20.51 11.89
C SER A 334 -7.82 -19.97 12.61
N SER A 335 -7.63 -20.39 13.86
CA SER A 335 -6.42 -19.98 14.58
CA SER A 335 -6.42 -20.00 14.59
C SER A 335 -5.17 -20.58 13.95
N SER A 336 -5.26 -21.79 13.40
CA SER A 336 -4.09 -22.41 12.78
C SER A 336 -3.68 -21.67 11.52
N VAL A 337 -4.65 -21.21 10.72
CA VAL A 337 -4.32 -20.49 9.50
C VAL A 337 -4.02 -19.03 9.78
N GLY A 338 -4.62 -18.45 10.82
CA GLY A 338 -4.40 -17.07 11.16
C GLY A 338 -5.43 -16.10 10.63
N GLY A 339 -6.65 -16.56 10.36
CA GLY A 339 -7.70 -15.66 9.96
C GLY A 339 -8.90 -16.42 9.45
N TYR A 340 -9.82 -15.66 8.88
CA TYR A 340 -11.00 -16.22 8.26
C TYR A 340 -10.66 -16.95 6.97
N VAL A 341 -11.21 -18.15 6.85
CA VAL A 341 -11.14 -18.99 5.66
C VAL A 341 -12.57 -19.33 5.28
N PHE A 342 -12.73 -19.76 4.03
CA PHE A 342 -14.06 -20.06 3.54
C PHE A 342 -13.96 -21.15 2.49
N PRO A 343 -15.05 -21.87 2.22
CA PRO A 343 -14.96 -22.94 1.22
C PRO A 343 -14.63 -22.38 -0.14
N CYS A 344 -13.69 -23.03 -0.84
CA CYS A 344 -13.35 -22.57 -2.17
C CYS A 344 -14.50 -22.71 -3.15
N SER A 345 -15.55 -23.44 -2.80
CA SER A 345 -16.74 -23.54 -3.61
C SER A 345 -17.69 -22.34 -3.47
N ALA A 346 -17.43 -21.41 -2.57
CA ALA A 346 -18.35 -20.31 -2.33
C ALA A 346 -18.28 -19.21 -3.37
N THR A 347 -19.42 -18.56 -3.59
CA THR A 347 -19.52 -17.27 -4.26
C THR A 347 -19.67 -16.21 -3.17
N LEU A 348 -18.74 -15.27 -3.11
CA LEU A 348 -18.71 -14.33 -2.00
C LEU A 348 -19.63 -13.14 -2.25
N PRO A 349 -20.23 -12.61 -1.18
CA PRO A 349 -20.99 -11.37 -1.30
C PRO A 349 -20.06 -10.16 -1.40
N SER A 350 -20.58 -9.09 -1.98
CA SER A 350 -19.85 -7.84 -1.99
C SER A 350 -19.77 -7.24 -0.58
N PHE A 351 -18.93 -6.22 -0.45
CA PHE A 351 -18.82 -5.46 0.79
C PHE A 351 -18.76 -3.98 0.41
N THR A 352 -19.62 -3.18 1.01
CA THR A 352 -19.70 -1.75 0.74
C THR A 352 -19.14 -0.99 1.92
N PHE A 353 -18.31 0.04 1.66
CA PHE A 353 -17.91 0.96 2.72
C PHE A 353 -18.30 2.38 2.36
N GLY A 354 -18.58 3.16 3.41
CA GLY A 354 -19.02 4.53 3.22
C GLY A 354 -17.87 5.52 3.22
N VAL A 355 -17.99 6.52 2.34
CA VAL A 355 -17.11 7.68 2.29
C VAL A 355 -18.05 8.88 2.31
N GLY A 356 -18.16 9.56 3.44
CA GLY A 356 -19.22 10.53 3.57
C GLY A 356 -20.56 9.90 3.22
N SER A 357 -21.34 10.59 2.39
CA SER A 357 -22.63 10.05 1.95
CA SER A 357 -22.63 10.06 1.94
C SER A 357 -22.49 9.10 0.77
N ALA A 358 -21.29 8.93 0.23
CA ALA A 358 -21.05 8.07 -0.90
C ALA A 358 -20.69 6.66 -0.46
N ARG A 359 -20.66 5.75 -1.42
CA ARG A 359 -20.48 4.34 -1.15
C ARG A 359 -19.52 3.76 -2.17
N ILE A 360 -18.59 2.94 -1.71
CA ILE A 360 -17.70 2.17 -2.57
C ILE A 360 -18.03 0.70 -2.38
N VAL A 361 -18.31 0.00 -3.49
CA VAL A 361 -18.69 -1.40 -3.47
C VAL A 361 -17.50 -2.25 -3.89
N ILE A 362 -17.07 -3.14 -3.00
CA ILE A 362 -16.04 -4.12 -3.30
C ILE A 362 -16.74 -5.39 -3.79
N PRO A 363 -16.57 -5.78 -5.05
CA PRO A 363 -17.20 -7.02 -5.50
C PRO A 363 -16.70 -8.22 -4.71
N GLY A 364 -17.59 -9.21 -4.55
CA GLY A 364 -17.22 -10.41 -3.81
C GLY A 364 -15.94 -11.07 -4.31
N ASP A 365 -15.73 -11.10 -5.63
CA ASP A 365 -14.55 -11.78 -6.13
C ASP A 365 -13.25 -11.14 -5.62
N TYR A 366 -13.29 -9.85 -5.29
CA TYR A 366 -12.09 -9.17 -4.80
C TYR A 366 -11.67 -9.68 -3.43
N ILE A 367 -12.59 -10.37 -2.74
CA ILE A 367 -12.37 -10.84 -1.37
C ILE A 367 -11.83 -12.27 -1.36
N ASP A 368 -11.69 -12.89 -2.53
N ASP A 368 -11.68 -12.89 -2.53
CA ASP A 368 -11.20 -14.27 -2.63
CA ASP A 368 -11.20 -14.26 -2.62
C ASP A 368 -9.69 -14.24 -2.85
C ASP A 368 -9.69 -14.23 -2.84
N PHE A 369 -8.94 -14.75 -1.86
CA PHE A 369 -7.49 -14.85 -1.95
C PHE A 369 -7.00 -16.27 -2.18
N GLY A 370 -7.88 -17.16 -2.63
CA GLY A 370 -7.47 -18.44 -3.14
C GLY A 370 -7.14 -19.45 -2.07
N PRO A 371 -6.77 -20.65 -2.50
CA PRO A 371 -6.51 -21.73 -1.55
C PRO A 371 -5.45 -21.35 -0.51
N ILE A 372 -5.70 -21.78 0.73
CA ILE A 372 -4.80 -21.44 1.84
C ILE A 372 -3.43 -22.08 1.67
N SER A 373 -3.39 -23.23 1.01
CA SER A 373 -2.19 -23.93 0.63
C SER A 373 -2.53 -24.55 -0.72
N THR A 374 -1.51 -24.84 -1.52
CA THR A 374 -1.79 -25.25 -2.88
C THR A 374 -2.72 -26.47 -2.93
N GLY A 375 -3.79 -26.35 -3.71
CA GLY A 375 -4.74 -27.42 -3.88
C GLY A 375 -5.79 -27.57 -2.80
N SER A 376 -5.70 -26.78 -1.73
N SER A 376 -5.79 -26.73 -1.78
CA SER A 376 -6.65 -26.87 -0.64
CA SER A 376 -6.67 -26.97 -0.64
C SER A 376 -8.02 -26.43 -1.07
C SER A 376 -8.16 -26.82 -0.98
N SER A 377 -9.02 -27.07 -0.49
N SER A 377 -9.00 -27.36 -0.08
CA SER A 377 -10.40 -26.69 -0.64
CA SER A 377 -10.44 -27.13 -0.14
C SER A 377 -10.84 -25.55 0.29
C SER A 377 -10.87 -25.79 0.48
N SER A 378 -9.97 -25.11 1.20
CA SER A 378 -10.24 -23.92 1.99
CA SER A 378 -10.25 -23.93 1.99
C SER A 378 -9.49 -22.75 1.39
N CYS A 379 -10.18 -21.61 1.31
CA CYS A 379 -9.66 -20.42 0.67
C CYS A 379 -9.52 -19.29 1.69
N PHE A 380 -8.57 -18.39 1.44
CA PHE A 380 -8.24 -17.33 2.39
C PHE A 380 -9.06 -16.09 2.15
N GLY A 381 -9.67 -15.55 3.20
CA GLY A 381 -10.51 -14.38 3.04
C GLY A 381 -9.75 -13.06 2.91
N GLY A 382 -10.32 -12.16 2.11
CA GLY A 382 -9.74 -10.85 1.90
C GLY A 382 -10.13 -9.79 2.90
N ILE A 383 -11.12 -10.08 3.75
CA ILE A 383 -11.55 -9.25 4.86
C ILE A 383 -11.20 -9.99 6.13
N GLN A 384 -10.40 -9.36 7.00
CA GLN A 384 -9.88 -9.97 8.21
C GLN A 384 -10.05 -9.01 9.37
N SER A 385 -10.02 -9.56 10.58
CA SER A 385 -10.15 -8.72 11.76
C SER A 385 -8.89 -7.90 12.02
N SER A 386 -9.08 -6.63 12.41
CA SER A 386 -8.00 -5.78 12.85
C SER A 386 -7.72 -5.92 14.35
N ALA A 387 -8.45 -6.78 15.06
N ALA A 387 -8.42 -6.81 15.05
CA ALA A 387 -8.22 -6.90 16.49
CA ALA A 387 -8.39 -6.78 16.51
C ALA A 387 -6.80 -7.38 16.75
C ALA A 387 -6.99 -6.89 17.08
N GLY A 388 -6.07 -6.63 17.57
N GLY A 388 -6.08 -7.56 16.39
CA GLY A 388 -4.69 -6.90 17.86
CA GLY A 388 -4.72 -7.74 16.83
C GLY A 388 -3.72 -6.05 17.06
C GLY A 388 -3.75 -6.67 16.38
N ILE A 389 -4.14 -5.54 15.91
N ILE A 389 -4.22 -5.63 15.69
CA ILE A 389 -3.28 -4.65 15.12
CA ILE A 389 -3.34 -4.64 15.06
C ILE A 389 -3.33 -3.23 15.66
C ILE A 389 -3.29 -3.34 15.84
N GLY A 390 -4.44 -2.84 16.29
CA GLY A 390 -4.54 -1.53 16.89
C GLY A 390 -5.00 -0.45 15.94
N ILE A 391 -5.24 -0.78 14.67
CA ILE A 391 -5.77 0.18 13.71
C ILE A 391 -6.47 -0.60 12.62
N ASN A 392 -7.52 -0.02 12.07
CA ASN A 392 -8.17 -0.60 10.90
C ASN A 392 -7.41 -0.17 9.66
N ILE A 393 -7.36 -1.08 8.66
CA ILE A 393 -6.53 -0.86 7.49
C ILE A 393 -7.35 -1.10 6.23
N PHE A 394 -7.58 -0.04 5.47
CA PHE A 394 -8.17 -0.11 4.13
C PHE A 394 -7.02 -0.38 3.17
N GLY A 395 -6.68 -1.65 3.04
CA GLY A 395 -5.64 -2.11 2.16
C GLY A 395 -6.15 -2.32 0.75
N ASP A 396 -5.35 -3.06 -0.04
CA ASP A 396 -5.59 -3.14 -1.48
C ASP A 396 -6.98 -3.67 -1.82
N VAL A 397 -7.50 -4.62 -1.05
CA VAL A 397 -8.86 -5.15 -1.30
C VAL A 397 -9.86 -4.02 -1.41
N ALA A 398 -9.80 -3.05 -0.50
CA ALA A 398 -10.69 -1.90 -0.55
C ALA A 398 -10.26 -0.90 -1.62
N LEU A 399 -8.98 -0.54 -1.62
CA LEU A 399 -8.56 0.55 -2.48
C LEU A 399 -8.72 0.20 -3.95
N LYS A 400 -8.55 -1.06 -4.33
CA LYS A 400 -8.64 -1.43 -5.75
CA LYS A 400 -8.63 -1.36 -5.77
C LYS A 400 -10.05 -1.30 -6.30
N ALA A 401 -11.05 -1.21 -5.44
CA ALA A 401 -12.42 -0.96 -5.85
C ALA A 401 -12.70 0.51 -6.15
N ALA A 402 -11.71 1.38 -5.96
CA ALA A 402 -11.92 2.81 -6.09
C ALA A 402 -10.77 3.47 -6.84
N PHE A 403 -11.03 4.69 -7.28
CA PHE A 403 -10.00 5.64 -7.69
C PHE A 403 -9.75 6.52 -6.46
N VAL A 404 -8.52 6.52 -5.96
CA VAL A 404 -8.21 7.09 -4.65
C VAL A 404 -7.25 8.26 -4.81
N VAL A 405 -7.64 9.41 -4.28
CA VAL A 405 -6.85 10.63 -4.32
C VAL A 405 -6.20 10.87 -2.96
N PHE A 406 -4.88 10.96 -2.95
CA PHE A 406 -4.08 11.32 -1.77
C PHE A 406 -3.73 12.79 -1.95
N ASN A 407 -4.51 13.67 -1.33
CA ASN A 407 -4.41 15.11 -1.50
C ASN A 407 -3.47 15.66 -0.44
N GLY A 408 -2.28 16.08 -0.86
CA GLY A 408 -1.27 16.63 0.01
C GLY A 408 -1.23 18.14 0.05
N ALA A 409 -2.37 18.79 -0.13
CA ALA A 409 -2.50 20.20 0.10
C ALA A 409 -2.24 20.52 1.57
N THR A 410 -2.21 21.82 1.88
CA THR A 410 -1.88 22.27 3.23
C THR A 410 -2.67 21.51 4.28
N THR A 411 -3.96 21.33 4.05
CA THR A 411 -4.79 20.44 4.86
C THR A 411 -4.99 19.18 4.04
N PRO A 412 -4.30 18.07 4.34
N PRO A 412 -4.30 18.08 4.34
CA PRO A 412 -4.46 16.88 3.50
CA PRO A 412 -4.47 16.85 3.55
C PRO A 412 -5.85 16.27 3.65
C PRO A 412 -5.88 16.30 3.64
N THR A 413 -6.33 15.68 2.55
CA THR A 413 -7.59 14.95 2.53
C THR A 413 -7.42 13.73 1.63
N LEU A 414 -8.37 12.80 1.73
N LEU A 414 -8.46 12.91 1.60
CA LEU A 414 -8.47 11.65 0.83
CA LEU A 414 -8.48 11.65 0.88
C LEU A 414 -9.72 11.80 -0.01
C LEU A 414 -9.76 11.59 0.06
N GLY A 415 -9.64 11.36 -1.26
CA GLY A 415 -10.79 11.29 -2.13
C GLY A 415 -11.01 9.88 -2.63
N PHE A 416 -12.29 9.48 -2.75
CA PHE A 416 -12.64 8.20 -3.32
C PHE A 416 -13.71 8.40 -4.38
N ALA A 417 -13.52 7.75 -5.54
CA ALA A 417 -14.53 7.65 -6.57
C ALA A 417 -14.69 6.19 -6.97
N SER A 418 -15.90 5.85 -7.40
CA SER A 418 -16.12 4.57 -8.07
C SER A 418 -15.47 4.60 -9.45
N LYS A 419 -15.26 3.41 -10.02
CA LYS A 419 -14.61 3.34 -11.33
C LYS A 419 -15.05 2.15 -12.14
#